data_7LB3
#
_entry.id   7LB3
#
_cell.length_a   46.755
_cell.length_b   57.239
_cell.length_c   59.069
_cell.angle_alpha   90.000
_cell.angle_beta   90.000
_cell.angle_gamma   90.000
#
_symmetry.space_group_name_H-M   'P 21 21 21'
#
loop_
_entity.id
_entity.type
_entity.pdbx_description
1 polymer 'Transcription initiation factor TFIID subunit 1'
2 non-polymer 4-{4-[(3R)-3-methylmorpholin-4-yl]-6-[1-(S-methylsulfonimidoyl)cyclopropyl]pyrimidin-2-yl}-1H-indazole
3 non-polymer 1,2-ETHANEDIOL
4 water water
#
_entity_poly.entity_id   1
_entity_poly.type   'polypeptide(L)'
_entity_poly.pdbx_seq_one_letter_code
;SMDDDQVAFSFILDNIVTQKMMAVPDSWPFHHPVNKKFVPDYYKVIVNPMDLETIRKNISKHKYQSRESFLDDVNLILAN
SVKYNGPESQYTKTAQEIVNVCYQTLTEYDEHLTQLEKDICTAKEAALEEAELESLD
;
_entity_poly.pdbx_strand_id   A
#
# COMPACT_ATOMS: atom_id res chain seq x y z
N SER A 1 -9.92 -14.30 -15.33
CA SER A 1 -10.99 -13.82 -14.46
C SER A 1 -10.60 -12.52 -13.77
N MET A 2 -11.60 -11.70 -13.43
CA MET A 2 -11.32 -10.52 -12.61
C MET A 2 -10.85 -10.90 -11.22
N ASP A 3 -11.45 -11.95 -10.63
CA ASP A 3 -10.98 -12.42 -9.32
C ASP A 3 -9.55 -12.91 -9.40
N ASP A 4 -9.22 -13.67 -10.45
CA ASP A 4 -7.85 -14.12 -10.62
C ASP A 4 -6.88 -12.96 -10.71
N ASP A 5 -7.25 -11.92 -11.45
CA ASP A 5 -6.32 -10.81 -11.63
C ASP A 5 -6.19 -9.99 -10.34
N GLN A 6 -7.29 -9.81 -9.62
CA GLN A 6 -7.23 -9.09 -8.34
C GLN A 6 -6.38 -9.88 -7.35
N VAL A 7 -6.53 -11.21 -7.37
CA VAL A 7 -5.75 -12.06 -6.48
C VAL A 7 -4.27 -11.97 -6.81
N ALA A 8 -3.93 -11.98 -8.09
CA ALA A 8 -2.53 -11.93 -8.47
C ALA A 8 -1.92 -10.58 -8.12
N PHE A 9 -2.64 -9.50 -8.44
CA PHE A 9 -2.18 -8.15 -8.11
C PHE A 9 -1.95 -8.01 -6.61
N SER A 10 -2.94 -8.45 -5.81
CA SER A 10 -2.80 -8.30 -4.37
C SER A 10 -1.67 -9.15 -3.83
N PHE A 11 -1.49 -10.36 -4.37
CA PHE A 11 -0.41 -11.21 -3.89
C PHE A 11 0.94 -10.58 -4.20
N ILE A 12 1.09 -10.00 -5.39
CA ILE A 12 2.34 -9.34 -5.71
C ILE A 12 2.63 -8.23 -4.73
N LEU A 13 1.62 -7.37 -4.48
CA LEU A 13 1.83 -6.28 -3.52
C LEU A 13 2.19 -6.81 -2.14
N ASP A 14 1.47 -7.84 -1.70
CA ASP A 14 1.72 -8.39 -0.37
C ASP A 14 3.14 -8.93 -0.26
N ASN A 15 3.63 -9.57 -1.33
CA ASN A 15 4.99 -10.12 -1.30
C ASN A 15 6.01 -8.98 -1.26
N ILE A 16 5.71 -7.87 -1.94
CA ILE A 16 6.58 -6.72 -1.80
C ILE A 16 6.62 -6.26 -0.34
N VAL A 17 5.45 -6.21 0.31
CA VAL A 17 5.41 -5.75 1.71
C VAL A 17 6.19 -6.71 2.61
N THR A 18 5.89 -8.00 2.54
CA THR A 18 6.45 -8.93 3.52
C THR A 18 7.91 -9.27 3.22
N GLN A 19 8.29 -9.41 1.96
CA GLN A 19 9.61 -9.90 1.62
C GLN A 19 10.64 -8.79 1.47
N LYS A 20 10.20 -7.58 1.15
CA LYS A 20 11.10 -6.45 0.91
C LYS A 20 10.94 -5.36 1.95
N MET A 21 9.74 -4.79 2.09
CA MET A 21 9.58 -3.61 2.94
C MET A 21 9.78 -3.98 4.40
N MET A 22 9.16 -5.06 4.85
CA MET A 22 9.28 -5.46 6.23
C MET A 22 10.67 -5.99 6.57
N ALA A 23 11.47 -6.32 5.56
CA ALA A 23 12.82 -6.82 5.73
C ALA A 23 13.87 -5.71 5.82
N VAL A 24 13.47 -4.46 5.63
CA VAL A 24 14.43 -3.36 5.81
C VAL A 24 14.93 -3.39 7.24
N PRO A 25 16.25 -3.33 7.50
CA PRO A 25 16.74 -3.38 8.87
C PRO A 25 16.10 -2.28 9.71
N ASP A 26 15.76 -2.62 10.96
CA ASP A 26 15.26 -1.65 11.93
C ASP A 26 13.97 -1.00 11.48
N SER A 27 13.18 -1.70 10.68
CA SER A 27 11.89 -1.16 10.22
C SER A 27 10.74 -1.41 11.18
N TRP A 28 10.99 -2.01 12.37
CA TRP A 28 9.94 -2.26 13.37
C TRP A 28 9.04 -1.06 13.65
N PRO A 29 9.49 0.21 13.62
CA PRO A 29 8.53 1.29 13.98
C PRO A 29 7.35 1.38 13.03
N PHE A 30 7.46 0.80 11.83
CA PHE A 30 6.47 0.97 10.77
C PHE A 30 5.70 -0.30 10.48
N HIS A 31 5.92 -1.36 11.28
CA HIS A 31 5.29 -2.66 11.01
C HIS A 31 3.85 -2.74 11.47
N HIS A 32 3.44 -1.89 12.40
CA HIS A 32 2.14 -1.97 13.05
C HIS A 32 1.68 -0.55 13.31
N PRO A 33 0.38 -0.33 13.51
CA PRO A 33 -0.07 0.98 13.98
C PRO A 33 0.56 1.32 15.33
N VAL A 34 0.86 2.61 15.49
CA VAL A 34 1.32 3.11 16.78
C VAL A 34 0.27 2.86 17.85
N ASN A 35 0.71 2.33 18.97
CA ASN A 35 -0.17 2.10 20.12
C ASN A 35 -0.36 3.41 20.88
N LYS A 36 -1.61 3.86 20.97
CA LYS A 36 -1.91 5.14 21.60
C LYS A 36 -1.50 5.14 23.07
N LYS A 37 -1.48 3.97 23.72
CA LYS A 37 -1.05 3.91 25.11
C LYS A 37 0.45 4.08 25.25
N PHE A 38 1.22 3.73 24.23
CA PHE A 38 2.66 3.91 24.24
C PHE A 38 3.07 5.30 23.80
N VAL A 39 2.35 5.90 22.86
CA VAL A 39 2.70 7.21 22.32
C VAL A 39 1.44 8.06 22.31
N PRO A 40 1.04 8.59 23.46
CA PRO A 40 -0.28 9.24 23.57
C PRO A 40 -0.50 10.41 22.62
N ASP A 41 0.53 11.15 22.24
CA ASP A 41 0.28 12.29 21.38
C ASP A 41 0.36 11.98 19.89
N TYR A 42 0.66 10.73 19.51
CA TYR A 42 0.87 10.41 18.09
C TYR A 42 -0.34 10.81 17.26
N TYR A 43 -1.52 10.45 17.72
CA TYR A 43 -2.72 10.68 16.94
C TYR A 43 -3.25 12.09 17.12
N LYS A 44 -2.62 12.89 17.98
CA LYS A 44 -2.87 14.31 17.99
C LYS A 44 -2.13 15.00 16.84
N VAL A 45 -1.01 14.41 16.42
CA VAL A 45 -0.16 15.00 15.41
C VAL A 45 -0.44 14.41 14.03
N ILE A 46 -0.65 13.10 13.96
CA ILE A 46 -0.77 12.36 12.70
C ILE A 46 -2.24 12.09 12.44
N VAL A 47 -2.80 12.81 11.46
CA VAL A 47 -4.23 12.73 11.15
C VAL A 47 -4.56 11.52 10.27
N ASN A 48 -3.61 11.08 9.41
CA ASN A 48 -3.84 9.97 8.48
C ASN A 48 -2.78 8.91 8.72
N PRO A 49 -2.91 8.14 9.79
CA PRO A 49 -1.87 7.17 10.12
C PRO A 49 -1.85 6.04 9.08
N MET A 50 -0.68 5.41 8.94
CA MET A 50 -0.52 4.29 8.01
C MET A 50 0.70 3.49 8.45
N ASP A 51 0.67 2.19 8.16
CA ASP A 51 1.74 1.29 8.58
C ASP A 51 1.64 0.06 7.72
N LEU A 52 2.66 -0.80 7.82
CA LEU A 52 2.73 -1.93 6.90
C LEU A 52 1.67 -2.99 7.21
N GLU A 53 1.28 -3.15 8.49
CA GLU A 53 0.20 -4.09 8.78
C GLU A 53 -1.12 -3.62 8.18
N THR A 54 -1.40 -2.33 8.31
CA THR A 54 -2.63 -1.80 7.74
C THR A 54 -2.61 -1.94 6.22
N ILE A 55 -1.45 -1.71 5.60
CA ILE A 55 -1.36 -1.92 4.15
C ILE A 55 -1.67 -3.37 3.80
N ARG A 56 -1.13 -4.33 4.55
CA ARG A 56 -1.44 -5.73 4.26
C ARG A 56 -2.91 -6.01 4.43
N LYS A 57 -3.54 -5.41 5.44
CA LYS A 57 -4.97 -5.59 5.59
C LYS A 57 -5.70 -5.07 4.37
N ASN A 58 -5.30 -3.89 3.89
CA ASN A 58 -5.95 -3.32 2.73
C ASN A 58 -5.74 -4.19 1.50
N ILE A 59 -4.55 -4.77 1.37
CA ILE A 59 -4.29 -5.69 0.26
C ILE A 59 -5.22 -6.88 0.34
N SER A 60 -5.43 -7.41 1.54
CA SER A 60 -6.26 -8.59 1.71
C SER A 60 -7.71 -8.27 1.38
N LYS A 61 -8.10 -7.01 1.48
CA LYS A 61 -9.44 -6.54 1.12
C LYS A 61 -9.50 -6.08 -0.33
N HIS A 62 -8.44 -6.30 -1.10
CA HIS A 62 -8.36 -5.82 -2.48
C HIS A 62 -8.63 -4.32 -2.58
N LYS A 63 -8.14 -3.55 -1.61
CA LYS A 63 -8.34 -2.10 -1.64
C LYS A 63 -7.62 -1.48 -2.83
N TYR A 64 -6.42 -1.98 -3.14
CA TYR A 64 -5.56 -1.39 -4.16
C TYR A 64 -5.83 -2.01 -5.52
N GLN A 65 -6.26 -1.20 -6.49
CA GLN A 65 -6.47 -1.62 -7.86
C GLN A 65 -5.42 -1.04 -8.78
N SER A 66 -4.49 -0.26 -8.26
CA SER A 66 -3.46 0.36 -9.08
C SER A 66 -2.19 0.48 -8.26
N ARG A 67 -1.07 0.59 -8.98
CA ARG A 67 0.20 0.92 -8.33
C ARG A 67 0.10 2.27 -7.62
N GLU A 68 -0.58 3.24 -8.24
CA GLU A 68 -0.66 4.57 -7.63
C GLU A 68 -1.36 4.53 -6.27
N SER A 69 -2.48 3.81 -6.15
CA SER A 69 -3.20 3.82 -4.89
C SER A 69 -2.40 3.09 -3.81
N PHE A 70 -1.69 2.03 -4.18
CA PHE A 70 -0.78 1.38 -3.23
C PHE A 70 0.29 2.35 -2.74
N LEU A 71 0.93 3.05 -3.69
CA LEU A 71 2.01 3.96 -3.34
C LEU A 71 1.52 5.19 -2.57
N ASP A 72 0.24 5.56 -2.70
CA ASP A 72 -0.31 6.62 -1.86
C ASP A 72 -0.14 6.28 -0.38
N ASP A 73 -0.47 5.05 -0.01
CA ASP A 73 -0.38 4.66 1.41
C ASP A 73 1.07 4.39 1.82
N VAL A 74 1.84 3.81 0.89
CA VAL A 74 3.27 3.64 1.17
C VAL A 74 3.91 4.98 1.47
N ASN A 75 3.59 6.01 0.68
CA ASN A 75 4.22 7.30 0.90
C ASN A 75 3.68 7.96 2.16
N LEU A 76 2.46 7.60 2.58
CA LEU A 76 1.93 8.13 3.83
C LEU A 76 2.82 7.72 5.00
N ILE A 77 3.37 6.50 4.94
CA ILE A 77 4.27 6.08 6.03
C ILE A 77 5.46 7.04 6.15
N LEU A 78 6.08 7.37 5.01
CA LEU A 78 7.22 8.30 5.01
C LEU A 78 6.81 9.70 5.44
N ALA A 79 5.70 10.20 4.89
CA ALA A 79 5.29 11.57 5.19
C ALA A 79 4.93 11.71 6.67
N ASN A 80 4.34 10.67 7.26
CA ASN A 80 4.01 10.73 8.67
C ASN A 80 5.26 10.68 9.52
N SER A 81 6.32 10.01 9.04
CA SER A 81 7.57 10.06 9.80
C SER A 81 8.21 11.43 9.69
N VAL A 82 8.17 12.04 8.49
CA VAL A 82 8.68 13.40 8.35
C VAL A 82 7.97 14.32 9.32
N LYS A 83 6.63 14.21 9.40
CA LYS A 83 5.86 15.10 10.27
C LYS A 83 6.13 14.83 11.75
N TYR A 84 6.09 13.56 12.17
CA TYR A 84 6.18 13.29 13.60
C TYR A 84 7.61 13.39 14.11
N ASN A 85 8.58 12.91 13.33
CA ASN A 85 9.95 12.74 13.77
C ASN A 85 10.91 13.77 13.21
N GLY A 86 10.58 14.41 12.08
CA GLY A 86 11.48 15.34 11.45
C GLY A 86 12.14 14.72 10.23
N PRO A 87 12.55 15.56 9.28
CA PRO A 87 13.09 15.05 8.01
C PRO A 87 14.46 14.38 8.13
N GLU A 88 15.21 14.68 9.19
CA GLU A 88 16.55 14.11 9.39
C GLU A 88 16.55 13.03 10.47
N SER A 89 15.40 12.69 11.02
CA SER A 89 15.36 11.65 12.04
C SER A 89 15.77 10.29 11.45
N GLN A 90 16.43 9.48 12.27
CA GLN A 90 16.74 8.13 11.83
C GLN A 90 15.47 7.33 11.52
N TYR A 91 14.35 7.67 12.19
CA TYR A 91 13.08 7.03 11.83
C TYR A 91 12.75 7.31 10.38
N THR A 92 12.93 8.56 9.97
CA THR A 92 12.59 8.95 8.61
C THR A 92 13.57 8.36 7.60
N LYS A 93 14.85 8.25 7.96
CA LYS A 93 15.79 7.58 7.06
C LYS A 93 15.37 6.14 6.83
N THR A 94 14.88 5.48 7.89
CA THR A 94 14.40 4.11 7.73
C THR A 94 13.15 4.04 6.86
N ALA A 95 12.18 4.93 7.13
CA ALA A 95 10.99 4.98 6.30
C ALA A 95 11.35 5.21 4.84
N GLN A 96 12.36 6.05 4.59
CA GLN A 96 12.77 6.33 3.21
C GLN A 96 13.31 5.06 2.57
N GLU A 97 14.04 4.24 3.35
CA GLU A 97 14.55 2.99 2.79
C GLU A 97 13.42 2.04 2.47
N ILE A 98 12.39 2.00 3.33
CA ILE A 98 11.18 1.21 3.05
C ILE A 98 10.55 1.64 1.74
N VAL A 99 10.39 2.95 1.57
CA VAL A 99 9.78 3.46 0.33
C VAL A 99 10.64 3.11 -0.88
N ASN A 100 11.97 3.24 -0.75
CA ASN A 100 12.84 3.00 -1.90
C ASN A 100 12.84 1.52 -2.31
N VAL A 101 12.85 0.60 -1.34
CA VAL A 101 12.83 -0.80 -1.76
C VAL A 101 11.47 -1.15 -2.33
N CYS A 102 10.42 -0.46 -1.87
CA CYS A 102 9.11 -0.63 -2.51
C CYS A 102 9.18 -0.22 -3.98
N TYR A 103 9.70 0.98 -4.24
CA TYR A 103 9.83 1.45 -5.63
C TYR A 103 10.66 0.47 -6.47
N GLN A 104 11.80 0.04 -5.92
CA GLN A 104 12.68 -0.87 -6.64
C GLN A 104 11.95 -2.14 -7.05
N THR A 105 11.14 -2.68 -6.14
CA THR A 105 10.46 -3.94 -6.42
C THR A 105 9.27 -3.75 -7.35
N LEU A 106 8.54 -2.63 -7.20
CA LEU A 106 7.48 -2.31 -8.16
C LEU A 106 8.03 -2.13 -9.56
N THR A 107 9.21 -1.52 -9.67
CA THR A 107 9.86 -1.41 -10.97
C THR A 107 10.13 -2.79 -11.53
N GLU A 108 10.68 -3.67 -10.69
CA GLU A 108 10.99 -5.02 -11.15
C GLU A 108 9.75 -5.72 -11.73
N TYR A 109 8.58 -5.53 -11.10
CA TYR A 109 7.35 -6.20 -11.50
C TYR A 109 6.42 -5.28 -12.29
N ASP A 110 6.96 -4.21 -12.88
CA ASP A 110 6.08 -3.22 -13.48
C ASP A 110 5.31 -3.78 -14.68
N GLU A 111 5.93 -4.63 -15.50
CA GLU A 111 5.20 -5.12 -16.67
C GLU A 111 3.96 -5.91 -16.25
N HIS A 112 4.15 -6.85 -15.33
CA HIS A 112 3.03 -7.67 -14.90
C HIS A 112 2.02 -6.85 -14.13
N LEU A 113 2.49 -5.94 -13.26
CA LEU A 113 1.56 -5.13 -12.50
C LEU A 113 0.75 -4.21 -13.40
N THR A 114 1.40 -3.60 -14.39
CA THR A 114 0.69 -2.72 -15.32
C THR A 114 -0.36 -3.49 -16.10
N GLN A 115 -0.02 -4.69 -16.57
CA GLN A 115 -0.99 -5.50 -17.31
C GLN A 115 -2.19 -5.84 -16.43
N LEU A 116 -1.92 -6.30 -15.19
CA LEU A 116 -3.00 -6.62 -14.27
C LEU A 116 -3.86 -5.39 -13.97
N GLU A 117 -3.23 -4.24 -13.73
CA GLU A 117 -3.98 -3.02 -13.44
C GLU A 117 -4.91 -2.66 -14.59
N LYS A 118 -4.41 -2.74 -15.83
CA LYS A 118 -5.27 -2.46 -16.98
C LYS A 118 -6.39 -3.47 -17.10
N ASP A 119 -6.09 -4.77 -16.95
CA ASP A 119 -7.13 -5.76 -17.14
C ASP A 119 -8.17 -5.71 -16.03
N ILE A 120 -7.76 -5.36 -14.81
CA ILE A 120 -8.72 -5.15 -13.72
C ILE A 120 -9.62 -3.96 -14.05
N CYS A 121 -9.03 -2.87 -14.56
CA CYS A 121 -9.82 -1.70 -14.87
C CYS A 121 -10.83 -2.00 -15.98
N THR A 122 -10.38 -2.66 -17.04
CA THR A 122 -11.26 -3.03 -18.14
C THR A 122 -12.41 -3.92 -17.65
N ALA A 123 -12.08 -4.96 -16.88
CA ALA A 123 -13.11 -5.87 -16.37
C ALA A 123 -14.10 -5.13 -15.47
N LYS A 124 -13.60 -4.23 -14.62
CA LYS A 124 -14.48 -3.47 -13.74
C LYS A 124 -15.41 -2.56 -14.54
N GLU A 125 -14.89 -1.90 -15.57
CA GLU A 125 -15.76 -1.04 -16.38
C GLU A 125 -16.80 -1.89 -17.10
N ALA A 126 -16.42 -3.09 -17.52
CA ALA A 126 -17.38 -3.97 -18.20
C ALA A 126 -18.45 -4.47 -17.23
N ALA A 127 -18.04 -4.86 -16.02
CA ALA A 127 -19.02 -5.34 -15.04
C ALA A 127 -19.96 -4.22 -14.63
N LEU A 128 -19.45 -2.99 -14.51
CA LEU A 128 -20.29 -1.84 -14.23
C LEU A 128 -21.30 -1.58 -15.33
N GLU A 129 -20.82 -1.60 -16.58
CA GLU A 129 -21.67 -1.39 -17.74
C GLU A 129 -22.78 -2.44 -17.80
N GLU A 130 -22.40 -3.70 -17.62
CA GLU A 130 -23.37 -4.79 -17.66
C GLU A 130 -24.35 -4.73 -16.49
N ALA A 131 -23.89 -4.37 -15.30
CA ALA A 131 -24.79 -4.21 -14.15
C ALA A 131 -25.83 -3.15 -14.47
N GLU A 132 -25.41 -2.07 -15.12
CA GLU A 132 -26.33 -0.98 -15.40
C GLU A 132 -27.31 -1.36 -16.51
N LEU A 133 -26.84 -2.05 -17.57
CA LEU A 133 -27.76 -2.51 -18.59
C LEU A 133 -28.79 -3.48 -18.00
N GLU A 134 -28.35 -4.28 -17.02
CA GLU A 134 -29.26 -5.26 -16.37
C GLU A 134 -30.28 -4.54 -15.49
N SER A 135 -29.87 -3.51 -14.74
CA SER A 135 -30.79 -2.80 -13.86
C SER A 135 -31.95 -2.18 -14.64
N LEU A 136 -31.75 -1.85 -15.92
CA LEU A 136 -32.82 -1.24 -16.71
C LEU A 136 -33.65 -2.28 -17.46
N ASP A 137 -33.40 -3.57 -17.22
CA ASP A 137 -34.24 -4.61 -17.78
C ASP A 137 -35.50 -4.80 -16.94
#